data_5QQP
#
_entry.id   5QQP
#
_cell.length_a   78.910
_cell.length_b   78.910
_cell.length_c   105.730
_cell.angle_alpha   90.000
_cell.angle_beta   90.000
_cell.angle_gamma   120.000
#
_symmetry.space_group_name_H-M   'P 32 2 1'
#
loop_
_entity.id
_entity.type
_entity.pdbx_description
1 polymer 'Coagulation factor XI'
2 non-polymer 'methyl [(5E,8S)-8-[(4S)-4-(3-chlorophenyl)-2-oxopiperidin-1-yl]-2-oxo-1,3,4,7,8,10-hexahydro-2H-12,9-(azeno)-1,10-benzodiazacyclotetradecin-15-yl]carbamate'
3 non-polymer 'SULFATE ION'
4 non-polymer 1,2-ETHANEDIOL
5 water water
#
_entity_poly.entity_id   1
_entity_poly.type   'polypeptide(L)'
_entity_poly.pdbx_seq_one_letter_code
;IVGGTASVRGEWPWQVTLHTTSPTQRHLCGGSIIGNQWILTAAHCFYGVESPKILRVYSGILNQSEIKEDTSFFGVQEII
IHDQYKMAESGYDIALLKLETTVGYGDSQRPICLPSKGDRNVIYTDCWVTGWGYRKLRDKIQNTLQKAKIPLVTNEECQK
RYRGHKITHKMICAGYREGGKDACKGDSGGPLSCKHNEVWHLVGITSWGEGCAQRERPGVYTNVVEYVDWILEKTQAVHH
HHHH
;
_entity_poly.pdbx_strand_id   A
#
loop_
_chem_comp.id
_chem_comp.type
_chem_comp.name
_chem_comp.formula
EDO non-polymer 1,2-ETHANEDIOL 'C2 H6 O2'
NR7 non-polymer 'methyl [(5E,8S)-8-[(4S)-4-(3-chlorophenyl)-2-oxopiperidin-1-yl]-2-oxo-1,3,4,7,8,10-hexahydro-2H-12,9-(azeno)-1,10-benzodiazacyclotetradecin-15-yl]carbamate' 'C29 H30 Cl N5 O4'
SO4 non-polymer 'SULFATE ION' 'O4 S -2'
#
# COMPACT_ATOMS: atom_id res chain seq x y z
N ILE A 1 0.10 -3.36 -11.23
CA ILE A 1 1.25 -2.49 -11.52
C ILE A 1 1.40 -2.41 -13.04
N VAL A 2 1.43 -1.20 -13.59
CA VAL A 2 1.62 -0.97 -15.03
C VAL A 2 3.12 -0.74 -15.30
N GLY A 3 3.65 -1.39 -16.35
CA GLY A 3 5.04 -1.21 -16.78
C GLY A 3 6.07 -1.72 -15.79
N GLY A 4 5.70 -2.69 -14.97
CA GLY A 4 6.65 -3.21 -13.99
C GLY A 4 7.23 -4.54 -14.42
N THR A 5 7.96 -5.20 -13.51
CA THR A 5 8.52 -6.52 -13.74
C THR A 5 8.26 -7.38 -12.51
N ALA A 6 8.37 -8.68 -12.67
CA ALA A 6 8.18 -9.65 -11.62
C ALA A 6 9.18 -9.40 -10.50
N SER A 7 8.71 -9.47 -9.26
CA SER A 7 9.60 -9.36 -8.12
C SER A 7 10.30 -10.72 -7.93
N VAL A 8 11.39 -10.71 -7.20
CA VAL A 8 12.11 -11.91 -6.80
C VAL A 8 11.52 -12.28 -5.40
N ARG A 9 11.47 -13.57 -5.04
CA ARG A 9 10.96 -13.97 -3.75
C ARG A 9 11.80 -13.34 -2.64
N GLY A 10 11.13 -12.78 -1.63
CA GLY A 10 11.78 -12.15 -0.47
C GLY A 10 12.22 -10.71 -0.69
N GLU A 11 11.99 -10.17 -1.89
CA GLU A 11 12.36 -8.79 -2.23
C GLU A 11 11.58 -7.70 -1.43
N TRP A 12 10.28 -7.91 -1.19
CA TRP A 12 9.42 -6.92 -0.48
C TRP A 12 8.75 -7.68 0.67
N PRO A 13 9.54 -8.13 1.69
CA PRO A 13 8.99 -9.04 2.69
C PRO A 13 7.90 -8.45 3.61
N TRP A 14 7.68 -7.13 3.55
CA TRP A 14 6.62 -6.44 4.29
C TRP A 14 5.32 -6.43 3.48
N GLN A 15 5.38 -6.73 2.17
CA GLN A 15 4.18 -6.77 1.31
C GLN A 15 3.26 -7.91 1.68
N VAL A 16 1.97 -7.61 1.90
CA VAL A 16 0.99 -8.65 2.12
C VAL A 16 -0.09 -8.57 1.05
N THR A 17 -0.84 -9.65 0.90
CA THR A 17 -2.04 -9.68 0.08
C THR A 17 -3.19 -9.87 1.03
N LEU A 18 -4.13 -8.92 1.02
CA LEU A 18 -5.32 -8.98 1.85
C LEU A 18 -6.44 -9.57 0.99
N HIS A 19 -7.03 -10.68 1.47
CA HIS A 19 -8.12 -11.34 0.77
C HIS A 19 -9.43 -11.16 1.51
N THR A 20 -10.50 -11.13 0.75
CA THR A 20 -11.85 -11.12 1.29
C THR A 20 -12.36 -12.53 1.00
N THR A 21 -13.22 -13.04 1.86
CA THR A 21 -13.82 -14.38 1.84
C THR A 21 -15.27 -14.33 1.32
N SER A 22 -15.93 -13.15 1.35
CA SER A 22 -17.33 -12.91 0.95
C SER A 22 -17.50 -12.19 -0.38
N PRO A 23 -18.29 -12.74 -1.34
CA PRO A 23 -19.04 -14.01 -1.31
C PRO A 23 -18.14 -15.24 -1.50
N THR A 24 -17.03 -15.06 -2.24
CA THR A 24 -15.98 -16.08 -2.52
C THR A 24 -14.62 -15.43 -2.22
N GLN A 25 -13.59 -16.26 -2.02
CA GLN A 25 -12.27 -15.72 -1.70
C GLN A 25 -11.55 -15.13 -2.92
N ARG A 26 -11.12 -13.88 -2.78
CA ARG A 26 -10.36 -13.19 -3.82
C ARG A 26 -9.45 -12.15 -3.16
N HIS A 27 -8.38 -11.74 -3.88
CA HIS A 27 -7.49 -10.68 -3.46
C HIS A 27 -8.33 -9.37 -3.40
N LEU A 28 -8.15 -8.58 -2.35
CA LEU A 28 -8.85 -7.31 -2.17
C LEU A 28 -7.91 -6.11 -2.32
N CYS A 29 -6.79 -6.15 -1.60
CA CYS A 29 -5.86 -5.02 -1.53
C CYS A 29 -4.46 -5.48 -1.14
N GLY A 30 -3.52 -4.56 -1.28
CA GLY A 30 -2.19 -4.75 -0.74
C GLY A 30 -2.19 -4.21 0.69
N GLY A 31 -1.07 -4.41 1.38
CA GLY A 31 -0.81 -3.92 2.72
C GLY A 31 0.65 -4.13 3.04
N SER A 32 1.10 -3.52 4.16
CA SER A 32 2.47 -3.61 4.63
C SER A 32 2.53 -4.01 6.10
N ILE A 33 3.43 -4.94 6.43
CA ILE A 33 3.68 -5.31 7.84
C ILE A 33 4.47 -4.15 8.44
N ILE A 34 3.98 -3.59 9.55
CA ILE A 34 4.70 -2.52 10.23
C ILE A 34 5.04 -2.87 11.70
N GLY A 35 4.46 -3.96 12.19
CA GLY A 35 4.62 -4.44 13.56
C GLY A 35 4.18 -5.88 13.61
N ASN A 36 4.44 -6.59 14.72
CA ASN A 36 4.18 -8.04 14.70
C ASN A 36 2.69 -8.40 14.77
N GLN A 37 1.80 -7.41 14.94
CA GLN A 37 0.37 -7.76 14.82
C GLN A 37 -0.33 -6.69 14.00
N TRP A 38 0.44 -5.94 13.19
CA TRP A 38 -0.07 -4.77 12.49
C TRP A 38 0.24 -4.67 11.01
N ILE A 39 -0.83 -4.47 10.24
CA ILE A 39 -0.76 -4.23 8.80
C ILE A 39 -1.22 -2.81 8.55
N LEU A 40 -0.42 -2.05 7.78
CA LEU A 40 -0.85 -0.71 7.39
C LEU A 40 -1.37 -0.80 5.94
N THR A 41 -2.56 -0.25 5.69
CA THR A 41 -3.20 -0.33 4.36
C THR A 41 -4.08 0.92 4.14
N ALA A 42 -4.88 0.91 3.05
CA ALA A 42 -5.75 2.04 2.72
C ALA A 42 -7.14 1.85 3.29
N ALA A 43 -7.73 2.93 3.83
CA ALA A 43 -9.10 2.90 4.35
C ALA A 43 -10.13 2.51 3.27
N HIS A 44 -9.97 2.99 2.01
CA HIS A 44 -10.96 2.72 0.94
C HIS A 44 -11.11 1.23 0.60
N CYS A 45 -10.11 0.41 0.97
CA CYS A 45 -10.15 -1.05 0.78
C CYS A 45 -11.35 -1.69 1.49
N PHE A 46 -11.85 -1.05 2.55
CA PHE A 46 -12.90 -1.63 3.39
C PHE A 46 -14.29 -1.14 3.03
N TYR A 47 -14.45 -0.55 1.83
CA TYR A 47 -15.76 -0.13 1.38
C TYR A 47 -16.66 -1.37 1.30
N GLY A 48 -17.78 -1.36 2.00
CA GLY A 48 -18.71 -2.49 2.01
C GLY A 48 -18.29 -3.69 2.86
N VAL A 49 -17.13 -3.61 3.55
CA VAL A 49 -16.66 -4.70 4.43
C VAL A 49 -17.33 -4.43 5.79
N GLU A 50 -18.28 -5.26 6.16
CA GLU A 50 -19.04 -5.04 7.41
C GLU A 50 -18.42 -5.73 8.63
N SER A 51 -17.43 -6.61 8.41
CA SER A 51 -16.82 -7.36 9.49
C SER A 51 -15.37 -7.74 9.20
N PRO A 52 -14.50 -7.76 10.23
CA PRO A 52 -13.12 -8.23 10.00
C PRO A 52 -13.04 -9.76 9.82
N LYS A 53 -14.15 -10.47 10.13
CA LYS A 53 -14.26 -11.94 10.03
C LYS A 53 -14.12 -12.48 8.61
N ILE A 54 -14.38 -11.65 7.60
CA ILE A 54 -14.26 -12.06 6.19
C ILE A 54 -12.85 -11.82 5.63
N LEU A 55 -11.94 -11.28 6.43
CA LEU A 55 -10.61 -10.94 5.94
C LEU A 55 -9.53 -11.96 6.25
N ARG A 56 -8.57 -12.13 5.32
CA ARG A 56 -7.42 -13.01 5.52
C ARG A 56 -6.20 -12.28 5.03
N VAL A 57 -5.18 -12.22 5.86
CA VAL A 57 -3.93 -11.58 5.51
C VAL A 57 -2.92 -12.68 5.21
N TYR A 58 -2.32 -12.65 4.00
CA TYR A 58 -1.27 -13.61 3.66
C TYR A 58 0.03 -12.86 3.52
N SER A 59 1.05 -13.30 4.25
CA SER A 59 2.39 -12.73 4.19
C SER A 59 3.31 -13.80 3.58
N GLY A 60 4.52 -13.41 3.16
CA GLY A 60 5.49 -14.32 2.57
C GLY A 60 5.03 -14.93 1.25
N ILE A 61 4.21 -14.20 0.51
CA ILE A 61 3.68 -14.66 -0.76
C ILE A 61 4.37 -13.96 -1.90
N LEU A 62 4.86 -14.72 -2.90
CA LEU A 62 5.34 -14.14 -4.14
C LEU A 62 4.19 -14.28 -5.16
N ASN A 63 3.67 -15.51 -5.31
CA ASN A 63 2.65 -15.85 -6.30
C ASN A 63 1.30 -16.10 -5.66
N GLN A 64 0.22 -15.52 -6.21
CA GLN A 64 -1.14 -15.77 -5.72
C GLN A 64 -1.45 -17.28 -5.75
N SER A 65 -0.83 -18.06 -6.69
CA SER A 65 -1.04 -19.53 -6.77
C SER A 65 -0.53 -20.29 -5.52
N GLU A 66 0.27 -19.63 -4.64
CA GLU A 66 0.71 -20.23 -3.38
C GLU A 66 -0.47 -20.33 -2.42
N ILE A 67 -1.55 -19.56 -2.68
CA ILE A 67 -2.73 -19.52 -1.80
C ILE A 67 -3.79 -20.55 -2.19
N LYS A 68 -4.02 -21.54 -1.31
CA LYS A 68 -5.06 -22.55 -1.46
C LYS A 68 -5.77 -22.63 -0.11
N GLU A 69 -6.78 -23.52 0.05
CA GLU A 69 -7.50 -23.66 1.33
C GLU A 69 -6.58 -24.03 2.50
N ASP A 70 -5.47 -24.75 2.22
CA ASP A 70 -4.55 -25.22 3.27
C ASP A 70 -3.40 -24.21 3.58
N THR A 71 -3.40 -23.04 2.90
CA THR A 71 -2.35 -22.01 3.12
C THR A 71 -2.64 -21.25 4.40
N SER A 72 -1.63 -21.12 5.26
CA SER A 72 -1.80 -20.38 6.50
C SER A 72 -1.95 -18.88 6.21
N PHE A 73 -2.73 -18.19 7.04
CA PHE A 73 -3.01 -16.77 6.91
C PHE A 73 -3.18 -16.20 8.32
N PHE A 74 -3.25 -14.86 8.43
CA PHE A 74 -3.53 -14.19 9.69
C PHE A 74 -4.96 -13.68 9.65
N GLY A 75 -5.72 -14.01 10.69
CA GLY A 75 -7.07 -13.49 10.86
C GLY A 75 -6.97 -12.04 11.31
N VAL A 76 -8.03 -11.27 11.09
CA VAL A 76 -8.06 -9.86 11.50
C VAL A 76 -8.99 -9.70 12.71
N GLN A 77 -8.43 -9.23 13.81
CA GLN A 77 -9.13 -8.97 15.05
C GLN A 77 -9.90 -7.63 14.96
N GLU A 78 -9.28 -6.64 14.33
CA GLU A 78 -9.87 -5.31 14.25
C GLU A 78 -9.40 -4.54 13.02
N ILE A 79 -10.32 -3.75 12.44
CA ILE A 79 -10.09 -2.83 11.34
C ILE A 79 -10.15 -1.43 11.95
N ILE A 80 -9.05 -0.66 11.88
CA ILE A 80 -8.98 0.69 12.40
C ILE A 80 -8.84 1.66 11.23
N ILE A 81 -9.91 2.38 10.93
CA ILE A 81 -9.93 3.36 9.86
C ILE A 81 -9.79 4.74 10.48
N HIS A 82 -8.97 5.61 9.87
CA HIS A 82 -8.82 6.99 10.35
C HIS A 82 -10.21 7.65 10.48
N ASP A 83 -10.49 8.30 11.64
CA ASP A 83 -11.75 9.01 11.96
C ASP A 83 -12.14 10.06 10.94
N GLN A 84 -11.16 10.68 10.30
CA GLN A 84 -11.45 11.76 9.36
C GLN A 84 -11.64 11.24 7.95
N TYR A 85 -11.47 9.94 7.74
CA TYR A 85 -11.61 9.37 6.39
C TYR A 85 -13.05 9.45 5.87
N LYS A 86 -13.22 9.97 4.66
CA LYS A 86 -14.51 10.00 3.94
C LYS A 86 -14.35 9.24 2.59
N MET A 87 -13.28 9.55 1.86
CA MET A 87 -12.99 8.91 0.56
C MET A 87 -11.53 9.12 0.21
N ALA A 88 -10.98 8.25 -0.66
CA ALA A 88 -9.56 8.28 -1.05
C ALA A 88 -9.13 9.63 -1.56
N GLU A 89 -9.94 10.23 -2.45
CA GLU A 89 -9.65 11.53 -3.08
C GLU A 89 -9.58 12.70 -2.09
N SER A 90 -10.20 12.59 -0.90
CA SER A 90 -10.13 13.66 0.12
C SER A 90 -9.06 13.40 1.21
N GLY A 91 -8.30 12.33 1.09
CA GLY A 91 -7.24 12.02 2.04
C GLY A 91 -7.66 11.20 3.24
N TYR A 92 -6.77 11.14 4.26
CA TYR A 92 -6.93 10.31 5.46
C TYR A 92 -7.18 8.86 5.04
N ASP A 93 -6.63 8.46 3.85
CA ASP A 93 -6.83 7.12 3.32
C ASP A 93 -5.83 6.20 3.95
N ILE A 94 -6.10 5.88 5.22
CA ILE A 94 -5.18 5.06 5.97
C ILE A 94 -5.98 4.20 6.94
N ALA A 95 -5.53 2.94 7.10
CA ALA A 95 -6.18 2.03 8.00
C ALA A 95 -5.16 1.08 8.57
N LEU A 96 -5.45 0.54 9.74
CA LEU A 96 -4.63 -0.48 10.38
C LEU A 96 -5.46 -1.73 10.57
N LEU A 97 -4.83 -2.90 10.39
CA LEU A 97 -5.43 -4.19 10.68
C LEU A 97 -4.69 -4.73 11.88
N LYS A 98 -5.42 -4.98 12.99
CA LYS A 98 -4.85 -5.64 14.15
C LYS A 98 -5.06 -7.13 13.92
N LEU A 99 -3.96 -7.88 13.82
CA LEU A 99 -4.03 -9.31 13.52
C LEU A 99 -4.39 -10.12 14.76
N GLU A 100 -5.10 -11.24 14.58
CA GLU A 100 -5.51 -12.13 15.68
C GLU A 100 -4.33 -12.83 16.33
N THR A 101 -3.27 -13.07 15.56
CA THR A 101 -2.04 -13.69 16.05
C THR A 101 -0.85 -12.85 15.60
N THR A 102 0.32 -13.17 16.15
CA THR A 102 1.60 -12.52 15.91
C THR A 102 2.32 -13.09 14.67
N VAL A 103 2.91 -12.21 13.85
CA VAL A 103 3.70 -12.59 12.69
C VAL A 103 5.07 -12.98 13.24
N GLY A 104 5.54 -14.17 12.90
CA GLY A 104 6.90 -14.58 13.26
C GLY A 104 7.80 -14.08 12.15
N TYR A 105 8.70 -13.14 12.45
CA TYR A 105 9.60 -12.54 11.46
C TYR A 105 10.64 -13.52 10.94
N GLY A 106 10.96 -13.38 9.67
CA GLY A 106 11.98 -14.17 8.98
C GLY A 106 12.29 -13.49 7.66
N ASP A 107 13.15 -14.14 6.84
CA ASP A 107 13.57 -13.61 5.53
C ASP A 107 12.38 -13.50 4.52
N SER A 108 11.22 -14.15 4.78
CA SER A 108 10.03 -14.04 3.91
C SER A 108 8.97 -13.02 4.38
N GLN A 109 9.00 -12.63 5.66
CA GLN A 109 8.00 -11.72 6.23
C GLN A 109 8.59 -10.95 7.40
N ARG A 110 8.74 -9.66 7.21
CA ARG A 110 9.32 -8.79 8.24
C ARG A 110 8.82 -7.37 8.04
N PRO A 111 8.95 -6.47 9.05
CA PRO A 111 8.33 -5.15 8.93
C PRO A 111 9.15 -4.15 8.15
N ILE A 112 8.46 -3.13 7.61
CA ILE A 112 9.13 -2.02 6.96
C ILE A 112 9.10 -0.89 8.00
N CYS A 113 10.21 -0.14 8.13
CA CYS A 113 10.34 1.04 8.99
C CYS A 113 9.39 2.11 8.48
N LEU A 114 8.80 2.81 9.40
CA LEU A 114 7.98 3.97 9.09
C LEU A 114 8.96 5.12 8.83
N PRO A 115 8.59 6.19 8.10
CA PRO A 115 9.54 7.30 7.94
C PRO A 115 9.77 8.04 9.26
N SER A 116 10.93 8.69 9.39
CA SER A 116 11.25 9.50 10.57
C SER A 116 10.68 10.90 10.38
N LYS A 117 10.24 11.54 11.49
CA LYS A 117 9.72 12.92 11.50
C LYS A 117 10.76 13.92 10.97
N GLY A 118 12.03 13.66 11.30
CA GLY A 118 13.18 14.45 10.84
C GLY A 118 13.47 14.24 9.36
N ASP A 119 13.00 13.11 8.81
CA ASP A 119 13.15 12.74 7.41
C ASP A 119 11.99 13.29 6.53
N ARG A 120 11.19 14.25 7.05
CA ARG A 120 10.12 14.89 6.28
C ARG A 120 10.78 15.79 5.21
N ASN A 121 12.05 16.21 5.47
CA ASN A 121 12.87 17.06 4.61
C ASN A 121 13.82 16.27 3.68
N VAL A 122 13.93 14.92 3.86
CA VAL A 122 14.82 14.12 3.00
C VAL A 122 14.19 13.90 1.61
N ILE A 123 15.05 13.85 0.57
CA ILE A 123 14.64 13.65 -0.82
C ILE A 123 14.90 12.19 -1.16
N TYR A 124 13.82 11.44 -1.45
CA TYR A 124 13.94 10.03 -1.79
C TYR A 124 14.07 9.91 -3.30
N THR A 125 15.12 9.21 -3.76
CA THR A 125 15.38 9.01 -5.19
C THR A 125 15.28 7.54 -5.61
N ASP A 126 14.96 6.63 -4.66
CA ASP A 126 14.88 5.20 -4.95
C ASP A 126 13.56 4.60 -4.37
N CYS A 127 12.43 4.91 -5.04
CA CYS A 127 11.06 4.54 -4.67
C CYS A 127 10.46 3.54 -5.60
N TRP A 128 9.80 2.53 -5.03
CA TRP A 128 9.19 1.44 -5.77
C TRP A 128 7.75 1.17 -5.29
N VAL A 129 6.83 0.97 -6.26
CA VAL A 129 5.44 0.62 -6.01
C VAL A 129 5.29 -0.86 -6.38
N THR A 130 4.66 -1.63 -5.48
CA THR A 130 4.51 -3.08 -5.65
C THR A 130 3.09 -3.56 -5.49
N GLY A 131 2.77 -4.69 -6.10
CA GLY A 131 1.44 -5.28 -5.96
C GLY A 131 1.09 -6.32 -6.99
N TRP A 132 -0.08 -6.96 -6.80
CA TRP A 132 -0.61 -7.97 -7.73
C TRP A 132 -1.73 -7.35 -8.62
N GLY A 133 -1.80 -6.03 -8.69
CA GLY A 133 -2.82 -5.32 -9.47
C GLY A 133 -2.69 -5.47 -10.97
N TYR A 134 -3.63 -4.87 -11.71
CA TYR A 134 -3.71 -4.92 -13.18
C TYR A 134 -2.47 -4.31 -13.80
N ARG A 135 -2.13 -4.80 -14.99
CA ARG A 135 -1.00 -4.31 -15.78
C ARG A 135 -1.47 -3.28 -16.80
N LYS A 136 -2.79 -3.12 -16.93
CA LYS A 136 -3.50 -2.20 -17.82
C LYS A 136 -4.91 -2.02 -17.27
N LEU A 137 -5.59 -0.94 -17.67
CA LEU A 137 -6.92 -0.55 -17.17
C LEU A 137 -7.95 -1.68 -17.12
N ARG A 138 -8.00 -2.52 -18.16
CA ARG A 138 -8.92 -3.65 -18.17
C ARG A 138 -8.03 -4.86 -18.24
N ASP A 139 -7.88 -5.55 -17.11
CA ASP A 139 -6.99 -6.69 -16.97
C ASP A 139 -7.49 -7.55 -15.83
N LYS A 140 -6.59 -8.25 -15.17
CA LYS A 140 -6.90 -9.13 -14.07
C LYS A 140 -5.77 -9.09 -13.07
N ILE A 141 -6.03 -9.53 -11.84
CA ILE A 141 -5.05 -9.62 -10.77
C ILE A 141 -3.92 -10.54 -11.29
N GLN A 142 -2.66 -10.12 -11.08
CA GLN A 142 -1.49 -10.85 -11.50
C GLN A 142 -1.11 -11.95 -10.49
N ASN A 143 -0.57 -13.05 -10.99
CA ASN A 143 -0.11 -14.15 -10.14
C ASN A 143 1.13 -13.71 -9.36
N THR A 144 2.13 -13.17 -10.08
CA THR A 144 3.42 -12.74 -9.51
C THR A 144 3.41 -11.30 -9.08
N LEU A 145 3.93 -11.04 -7.87
CA LEU A 145 4.06 -9.69 -7.31
C LEU A 145 4.90 -8.85 -8.28
N GLN A 146 4.36 -7.70 -8.72
CA GLN A 146 5.12 -6.84 -9.65
C GLN A 146 5.73 -5.69 -8.90
N LYS A 147 6.76 -5.09 -9.47
CA LYS A 147 7.44 -3.91 -8.95
C LYS A 147 7.69 -2.93 -10.08
N ALA A 148 7.68 -1.63 -9.75
CA ALA A 148 8.00 -0.57 -10.69
C ALA A 148 8.67 0.55 -9.92
N LYS A 149 9.79 1.07 -10.45
CA LYS A 149 10.52 2.19 -9.84
C LYS A 149 9.86 3.45 -10.34
N ILE A 150 9.49 4.34 -9.42
CA ILE A 150 8.75 5.56 -9.77
C ILE A 150 9.35 6.77 -9.10
N PRO A 151 9.49 7.94 -9.79
CA PRO A 151 10.04 9.11 -9.08
C PRO A 151 8.94 9.83 -8.30
N LEU A 152 9.30 10.38 -7.13
CA LEU A 152 8.39 11.22 -6.37
C LEU A 152 8.22 12.53 -7.12
N VAL A 153 7.05 13.15 -6.96
CA VAL A 153 6.68 14.40 -7.61
C VAL A 153 6.37 15.41 -6.49
N THR A 154 6.77 16.70 -6.62
CA THR A 154 6.46 17.69 -5.58
C THR A 154 4.94 17.87 -5.50
N ASN A 155 4.45 18.33 -4.34
CA ASN A 155 3.04 18.66 -4.11
C ASN A 155 2.54 19.70 -5.16
N GLU A 156 3.37 20.73 -5.43
CA GLU A 156 3.05 21.79 -6.41
C GLU A 156 2.82 21.22 -7.80
N GLU A 157 3.72 20.34 -8.25
CA GLU A 157 3.60 19.71 -9.57
C GLU A 157 2.38 18.77 -9.60
N CYS A 158 2.15 18.02 -8.50
CA CYS A 158 0.99 17.12 -8.43
C CYS A 158 -0.32 17.87 -8.49
N GLN A 159 -0.38 19.03 -7.79
CA GLN A 159 -1.59 19.86 -7.80
C GLN A 159 -1.88 20.37 -9.23
N LYS A 160 -0.84 20.75 -10.00
CA LYS A 160 -1.00 21.17 -11.41
C LYS A 160 -1.64 20.07 -12.24
N ARG A 161 -1.28 18.79 -11.95
CA ARG A 161 -1.77 17.62 -12.69
C ARG A 161 -3.18 17.21 -12.34
N TYR A 162 -3.68 17.67 -11.18
CA TYR A 162 -5.00 17.31 -10.71
C TYR A 162 -5.87 18.53 -10.47
N ARG A 163 -6.18 19.24 -11.56
CA ARG A 163 -7.06 20.41 -11.51
C ARG A 163 -8.45 19.92 -11.06
N GLY A 164 -9.04 20.61 -10.10
CA GLY A 164 -10.34 20.20 -9.60
C GLY A 164 -10.25 19.37 -8.35
N HIS A 165 -9.02 18.95 -7.96
CA HIS A 165 -8.80 18.23 -6.69
C HIS A 165 -7.96 19.12 -5.79
N LYS A 166 -7.95 18.83 -4.50
CA LYS A 166 -7.09 19.53 -3.57
C LYS A 166 -6.04 18.51 -3.16
N ILE A 167 -4.80 18.69 -3.65
CA ILE A 167 -3.69 17.80 -3.28
C ILE A 167 -3.04 18.42 -2.02
N THR A 168 -3.21 17.76 -0.89
CA THR A 168 -2.72 18.24 0.40
C THR A 168 -1.33 17.67 0.69
N HIS A 169 -0.65 18.19 1.74
CA HIS A 169 0.65 17.69 2.15
C HIS A 169 0.52 16.33 2.89
N LYS A 170 -0.73 15.85 3.12
CA LYS A 170 -0.98 14.51 3.68
C LYS A 170 -1.06 13.47 2.55
N MET A 171 -0.86 13.93 1.30
CA MET A 171 -0.76 13.09 0.11
C MET A 171 0.65 13.28 -0.46
N ILE A 172 1.17 12.25 -1.11
CA ILE A 172 2.46 12.32 -1.79
C ILE A 172 2.26 11.66 -3.15
N CYS A 173 2.75 12.32 -4.22
CA CYS A 173 2.55 11.83 -5.56
C CYS A 173 3.80 11.25 -6.16
N ALA A 174 3.62 10.31 -7.09
CA ALA A 174 4.76 9.67 -7.75
C ALA A 174 4.35 9.27 -9.16
N GLY A 175 5.20 9.57 -10.12
CA GLY A 175 4.96 9.21 -11.51
C GLY A 175 5.89 9.90 -12.47
N TYR A 176 6.01 9.34 -13.67
CA TYR A 176 6.79 9.92 -14.75
C TYR A 176 5.88 10.87 -15.50
N ARG A 177 6.40 12.03 -15.94
CA ARG A 177 5.62 12.99 -16.73
C ARG A 177 4.98 12.32 -17.94
N GLU A 178 5.71 11.41 -18.61
CA GLU A 178 5.20 10.73 -19.81
C GLU A 178 4.34 9.53 -19.47
N GLY A 179 4.17 9.22 -18.18
CA GLY A 179 3.38 8.06 -17.74
C GLY A 179 4.12 6.76 -18.05
N GLY A 180 3.38 5.67 -18.08
CA GLY A 180 3.96 4.36 -18.41
C GLY A 180 4.23 3.43 -17.25
N LYS A 181 4.50 3.97 -16.06
CA LYS A 181 4.75 3.13 -14.87
C LYS A 181 3.93 3.67 -13.72
N ASP A 182 3.13 2.79 -13.10
CA ASP A 182 2.24 3.23 -12.00
C ASP A 182 1.60 2.05 -11.31
N ALA A 183 0.85 2.33 -10.25
CA ALA A 183 -0.03 1.35 -9.63
C ALA A 183 -1.24 1.23 -10.54
N CYS A 184 -2.02 0.17 -10.38
CA CYS A 184 -3.30 0.03 -11.06
C CYS A 184 -4.28 -0.77 -10.17
N LYS A 185 -5.47 -1.05 -10.67
CA LYS A 185 -6.52 -1.74 -9.90
C LYS A 185 -6.04 -3.01 -9.19
N GLY A 186 -6.21 -3.06 -7.87
CA GLY A 186 -5.78 -4.19 -7.06
C GLY A 186 -4.47 -3.93 -6.32
N ASP A 187 -3.79 -2.81 -6.64
CA ASP A 187 -2.54 -2.46 -5.95
C ASP A 187 -2.77 -1.61 -4.70
N SER A 188 -3.95 -0.94 -4.62
CA SER A 188 -4.25 -0.01 -3.51
C SER A 188 -4.07 -0.64 -2.14
N GLY A 189 -3.60 0.16 -1.20
CA GLY A 189 -3.33 -0.31 0.16
C GLY A 189 -1.90 -0.78 0.33
N GLY A 190 -1.26 -1.09 -0.80
CA GLY A 190 0.11 -1.57 -0.78
C GLY A 190 1.10 -0.44 -0.55
N PRO A 191 2.38 -0.80 -0.43
CA PRO A 191 3.39 0.23 -0.13
C PRO A 191 3.96 0.98 -1.33
N LEU A 192 4.48 2.18 -1.07
CA LEU A 192 5.38 2.94 -1.93
C LEU A 192 6.63 2.90 -1.04
N SER A 193 7.59 2.02 -1.35
CA SER A 193 8.77 1.81 -0.50
C SER A 193 9.99 2.54 -1.08
N CYS A 194 10.64 3.37 -0.26
CA CYS A 194 11.82 4.15 -0.69
C CYS A 194 13.02 3.77 0.17
N LYS A 195 14.16 3.50 -0.49
CA LYS A 195 15.41 3.11 0.16
C LYS A 195 16.25 4.36 0.42
N HIS A 196 16.63 4.57 1.67
CA HIS A 196 17.43 5.72 2.09
C HIS A 196 18.44 5.29 3.14
N ASN A 197 19.75 5.53 2.87
CA ASN A 197 20.87 5.15 3.75
C ASN A 197 20.83 3.65 4.06
N GLU A 198 20.65 2.84 2.99
CA GLU A 198 20.55 1.37 2.99
C GLU A 198 19.32 0.81 3.75
N VAL A 199 18.36 1.67 4.14
CA VAL A 199 17.16 1.28 4.88
C VAL A 199 15.87 1.61 4.07
N TRP A 200 14.96 0.64 4.00
CA TRP A 200 13.69 0.85 3.32
C TRP A 200 12.72 1.53 4.27
N HIS A 201 11.99 2.52 3.77
CA HIS A 201 11.01 3.26 4.55
C HIS A 201 9.69 3.25 3.83
N LEU A 202 8.59 3.11 4.59
CA LEU A 202 7.24 3.12 4.02
C LEU A 202 6.83 4.56 3.85
N VAL A 203 7.04 5.10 2.65
CA VAL A 203 6.78 6.51 2.35
C VAL A 203 5.32 6.77 1.99
N GLY A 204 4.74 5.89 1.18
CA GLY A 204 3.37 6.06 0.74
C GLY A 204 2.52 4.81 0.83
N ILE A 205 1.19 5.01 0.79
CA ILE A 205 0.21 3.94 0.71
C ILE A 205 -0.53 4.19 -0.60
N THR A 206 -0.50 3.25 -1.57
CA THR A 206 -1.19 3.37 -2.88
C THR A 206 -2.67 3.73 -2.65
N SER A 207 -3.09 4.90 -3.14
CA SER A 207 -4.43 5.41 -2.85
C SER A 207 -5.29 5.60 -4.09
N TRP A 208 -4.96 6.59 -4.95
CA TRP A 208 -5.81 6.82 -6.12
C TRP A 208 -5.03 7.47 -7.27
N GLY A 209 -5.65 7.51 -8.44
CA GLY A 209 -5.10 8.16 -9.62
C GLY A 209 -6.21 8.35 -10.64
N GLU A 210 -5.95 9.12 -11.73
CA GLU A 210 -6.93 9.21 -12.84
C GLU A 210 -6.49 8.14 -13.85
N GLY A 211 -7.18 7.01 -13.84
CA GLY A 211 -6.81 5.85 -14.67
C GLY A 211 -5.53 5.21 -14.13
N CYS A 212 -4.67 4.67 -15.00
CA CYS A 212 -3.40 4.06 -14.55
C CYS A 212 -2.30 4.44 -15.51
N ALA A 213 -1.17 4.93 -14.98
CA ALA A 213 0.06 5.23 -15.72
C ALA A 213 -0.14 6.21 -16.87
N GLN A 214 -1.12 7.13 -16.72
CA GLN A 214 -1.33 8.08 -17.80
C GLN A 214 -0.32 9.20 -17.72
N ARG A 215 0.00 9.76 -18.87
CA ARG A 215 0.89 10.91 -18.99
C ARG A 215 0.31 12.02 -18.11
N GLU A 216 1.16 12.67 -17.34
CA GLU A 216 0.81 13.81 -16.49
C GLU A 216 -0.30 13.52 -15.45
N ARG A 217 -0.40 12.27 -15.01
CA ARG A 217 -1.37 11.86 -13.97
C ARG A 217 -0.58 11.02 -12.97
N PRO A 218 0.20 11.63 -12.06
CA PRO A 218 0.94 10.80 -11.11
C PRO A 218 0.00 10.06 -10.16
N GLY A 219 0.46 8.93 -9.64
CA GLY A 219 -0.27 8.16 -8.65
C GLY A 219 -0.29 8.99 -7.37
N VAL A 220 -1.40 8.95 -6.63
CA VAL A 220 -1.56 9.69 -5.36
C VAL A 220 -1.54 8.68 -4.22
N TYR A 221 -0.63 8.91 -3.27
CA TYR A 221 -0.40 8.05 -2.15
C TYR A 221 -0.63 8.78 -0.86
N THR A 222 -1.08 8.07 0.18
CA THR A 222 -1.16 8.63 1.53
C THR A 222 0.29 8.86 1.96
N ASN A 223 0.61 10.09 2.40
CA ASN A 223 1.96 10.49 2.82
C ASN A 223 2.16 10.01 4.26
N VAL A 224 2.75 8.80 4.38
CA VAL A 224 2.86 8.07 5.66
C VAL A 224 3.54 8.89 6.79
N VAL A 225 4.58 9.68 6.48
CA VAL A 225 5.27 10.51 7.50
C VAL A 225 4.27 11.42 8.27
N GLU A 226 3.20 11.89 7.60
CA GLU A 226 2.18 12.76 8.19
C GLU A 226 1.22 12.01 9.11
N TYR A 227 1.33 10.66 9.15
CA TYR A 227 0.47 9.84 10.01
C TYR A 227 1.22 9.02 11.04
N VAL A 228 2.53 9.25 11.22
CA VAL A 228 3.35 8.51 12.19
C VAL A 228 2.73 8.63 13.61
N ASP A 229 2.34 9.84 14.04
CA ASP A 229 1.72 10.00 15.38
C ASP A 229 0.41 9.26 15.46
N TRP A 230 -0.42 9.33 14.42
CA TRP A 230 -1.68 8.57 14.38
C TRP A 230 -1.41 7.05 14.48
N ILE A 231 -0.40 6.52 13.73
CA ILE A 231 -0.10 5.06 13.77
C ILE A 231 0.33 4.64 15.21
N LEU A 232 1.23 5.43 15.82
CA LEU A 232 1.68 5.20 17.21
C LEU A 232 0.54 5.31 18.20
N GLU A 233 -0.38 6.27 17.99
CA GLU A 233 -1.56 6.40 18.85
C GLU A 233 -2.34 5.07 18.88
N LYS A 234 -2.58 4.49 17.71
CA LYS A 234 -3.36 3.27 17.55
C LYS A 234 -2.63 1.99 17.92
N THR A 235 -1.32 1.89 17.62
CA THR A 235 -0.54 0.67 17.87
C THR A 235 0.14 0.62 19.25
N GLN A 236 0.37 1.79 19.88
CA GLN A 236 1.07 1.88 21.18
C GLN A 236 0.13 2.33 22.29
N ALA A 237 -1.19 2.12 22.11
CA ALA A 237 -2.18 2.52 23.11
C ALA A 237 -1.90 1.81 24.45
N VAL A 238 -1.89 2.56 25.58
CA VAL A 238 -1.58 1.98 26.91
C VAL A 238 -2.63 0.98 27.37
C13 NR7 B . -9.71 -6.60 -8.53
C18 NR7 B . -9.90 -9.63 -8.09
C16 NR7 B . -9.97 -5.13 -6.18
C15 NR7 B . -9.94 -6.52 -6.14
C21 NR7 B . -9.93 -11.98 -8.42
C23 NR7 B . -10.63 -0.74 -3.95
C24 NR7 B . -11.61 -1.60 -3.21
C11 NR7 B . -9.83 -4.46 -7.43
C12 NR7 B . -9.70 -5.22 -8.59
C34 NR7 B . -4.52 3.90 -9.44
C33 NR7 B . -4.65 3.73 -8.06
CL1 NR7 B . -1.32 5.46 -6.70
C2 NR7 B . -8.77 0.19 -6.19
C3 NR7 B . -9.96 1.01 -5.64
C4 NR7 B . -10.94 0.17 -4.86
N5 NR7 B . -7.75 0.97 -6.90
C6 NR7 B . -9.28 -0.99 -6.95
N7 NR7 B . -10.12 -0.88 -7.99
C8 NR7 B . -10.46 -2.14 -8.37
C9 NR7 B . -9.80 -2.99 -7.54
N10 NR7 B . -9.04 -2.24 -6.64
C14 NR7 B . -9.80 -7.27 -7.30
N17 NR7 B . -9.77 -8.67 -7.13
O19 NR7 B . -10.14 -9.44 -9.27
O20 NR7 B . -9.76 -10.84 -7.53
N22 NR7 B . -10.17 -4.38 -4.99
C25 NR7 B . -11.28 -3.09 -3.27
C26 NR7 B . -11.23 -3.62 -4.69
O27 NR7 B . -12.11 -3.34 -5.50
C28 NR7 B . -5.36 1.45 -7.29
C29 NR7 B . -6.46 0.50 -6.89
C30 NR7 B . -5.79 2.90 -7.48
C31 NR7 B . -7.07 2.90 -8.30
C32 NR7 B . -8.21 2.22 -7.53
C35 NR7 B . -3.41 4.55 -9.96
C36 NR7 B . -2.45 5.09 -9.12
C37 NR7 B . -2.59 4.90 -7.75
C38 NR7 B . -3.68 4.24 -7.22
O39 NR7 B . -6.19 -0.64 -6.53
H47 NR7 B . -9.65 -7.11 -9.50
H48 NR7 B . -10.07 -6.98 -5.17
H50 NR7 B . -9.18 -12.67 -8.05
H51 NR7 B . -9.74 -11.78 -9.47
H52 NR7 B . -10.92 -12.41 -8.30
H54 NR7 B . -9.61 -0.92 -3.64
H56 NR7 B . -12.62 -1.41 -3.58
H55 NR7 B . -11.64 -1.29 -2.16
H46 NR7 B . -9.56 -4.72 -9.54
H66 NR7 B . -5.25 3.52 -10.15
H40 NR7 B . -8.30 -0.25 -5.31
H41 NR7 B . -9.61 1.81 -4.99
H42 NR7 B . -10.52 1.51 -6.44
H43 NR7 B . -11.98 0.39 -5.10
H44 NR7 B . -10.48 -0.03 -8.41
H45 NR7 B . -11.14 -2.36 -9.19
H49 NR7 B . -9.61 -8.97 -6.18
H53 NR7 B . -9.40 -4.47 -4.32
H58 NR7 B . -12.06 -3.64 -2.76
H57 NR7 B . -10.37 -3.28 -2.69
H59 NR7 B . -4.57 1.34 -6.57
H60 NR7 B . -4.92 1.11 -8.22
H61 NR7 B . -6.03 3.29 -6.49
H62 NR7 B . -7.32 3.91 -8.61
H63 NR7 B . -6.92 2.35 -9.23
H65 NR7 B . -9.06 2.05 -8.20
H64 NR7 B . -8.55 2.93 -6.79
H67 NR7 B . -3.29 4.64 -11.04
H68 NR7 B . -1.62 5.67 -9.51
H69 NR7 B . -3.74 4.12 -6.14
S SO4 C . 3.56 22.50 -17.32
O1 SO4 C . 3.24 23.90 -17.57
O2 SO4 C . 2.33 21.78 -17.06
O3 SO4 C . 4.45 22.38 -16.16
O4 SO4 C . 4.23 21.93 -18.47
C1 EDO D . 9.44 -11.61 16.02
O1 EDO D . 9.25 -12.68 15.13
C2 EDO D . 8.16 -10.73 16.06
O2 EDO D . 6.99 -11.54 16.14
C1 EDO E . 8.35 -10.35 -2.13
O1 EDO E . 8.88 -10.39 -0.82
C2 EDO E . 7.37 -11.51 -2.23
O2 EDO E . 8.16 -12.69 -2.38
C1 EDO F . -5.37 16.50 4.65
O1 EDO F . -6.45 17.41 4.63
C2 EDO F . -5.80 15.13 4.09
O2 EDO F . -5.99 15.26 2.70
C1 EDO G . 4.17 13.33 -13.31
O1 EDO G . 2.93 13.30 -13.99
C2 EDO G . 4.45 14.78 -12.88
O2 EDO G . 4.10 15.66 -13.93
C1 EDO H . 4.95 15.99 -1.14
O1 EDO H . 6.21 15.36 -1.27
C2 EDO H . 4.34 15.66 0.21
O2 EDO H . 3.89 16.85 0.81
C1 EDO I . 15.18 -3.24 -5.47
O1 EDO I . 14.96 -4.37 -4.62
C2 EDO I . 14.33 -3.42 -6.74
O2 EDO I . 14.85 -4.45 -7.57
C1 EDO J . -2.78 21.46 2.59
O1 EDO J . -1.43 21.57 2.15
C2 EDO J . -2.83 21.10 4.08
O2 EDO J . -2.09 19.91 4.34
C1 EDO K . 11.26 -18.90 -5.41
O1 EDO K . 12.65 -18.64 -5.44
C2 EDO K . 10.55 -18.64 -6.76
O2 EDO K . 9.21 -19.13 -6.64
#